data_7RFV
#
_entry.id   7RFV
#
_cell.length_a   84.683
_cell.length_b   84.683
_cell.length_c   225.073
_cell.angle_alpha   90.000
_cell.angle_beta   90.000
_cell.angle_gamma   120.000
#
_symmetry.space_group_name_H-M   'H 3 2'
#
_entity_poly.entity_id   1
_entity_poly.type   'polypeptide(L)'
_entity_poly.pdbx_seq_one_letter_code
;MANKPTQPLFPLGLETSESSNIKGFNNSGTIEHSPGAVMTFPEDTEVTGLPSSVRYNPDSDEFEGYYENGGWLSLGGGGI
RWETLPHAPSSNLLEGRGYLINNTTGTSTVVLPSPTRIGDSVTICDAYGKFATYPLTVSPSGNNLYGSTEDMAITTDNVS
ATFTWSGPEQGWVITSGVGLGQGRVYSREIFTQILASETSAVTLNTPPTIVDVYADGKRLAESKYSLDGNVITFSPSLPA
STELQVIEYT
;
_entity_poly.pdbx_strand_id   A
#
# COMPACT_ATOMS: atom_id res chain seq x y z
N LYS A 4 -61.69 -8.26 3.43
CA LYS A 4 -60.45 -9.04 3.09
C LYS A 4 -59.60 -8.17 2.14
N PRO A 5 -59.70 -8.29 0.78
CA PRO A 5 -58.86 -7.50 -0.14
C PRO A 5 -58.86 -6.00 0.19
N THR A 6 -57.69 -5.38 0.06
CA THR A 6 -57.46 -4.00 0.57
C THR A 6 -57.13 -3.08 -0.60
N GLN A 7 -56.79 -3.63 -1.77
CA GLN A 7 -56.29 -2.81 -2.90
C GLN A 7 -56.53 -3.46 -4.25
N PRO A 8 -56.77 -2.62 -5.27
CA PRO A 8 -57.10 -3.08 -6.62
C PRO A 8 -56.16 -4.19 -7.06
N LEU A 9 -56.69 -5.19 -7.74
CA LEU A 9 -55.88 -6.30 -8.32
C LEU A 9 -56.15 -6.36 -9.82
N PHE A 10 -55.11 -6.68 -10.61
CA PHE A 10 -55.13 -6.70 -12.09
C PHE A 10 -54.77 -8.09 -12.61
N PRO A 11 -55.73 -9.05 -12.56
CA PRO A 11 -55.49 -10.44 -12.94
C PRO A 11 -54.41 -10.63 -14.00
N LEU A 12 -54.51 -10.00 -15.16
CA LEU A 12 -53.55 -10.23 -16.28
C LEU A 12 -52.43 -9.19 -16.21
N GLY A 13 -52.17 -8.63 -15.04
CA GLY A 13 -51.29 -7.46 -14.93
C GLY A 13 -51.84 -6.39 -15.83
N LEU A 14 -50.98 -5.67 -16.56
CA LEU A 14 -51.41 -4.49 -17.34
C LEU A 14 -50.27 -3.90 -18.19
N GLU A 15 -50.52 -2.72 -18.78
CA GLU A 15 -49.55 -1.96 -19.61
C GLU A 15 -49.57 -0.48 -19.21
N THR A 16 -48.47 0.20 -19.48
CA THR A 16 -48.25 1.63 -19.17
C THR A 16 -47.27 2.21 -20.18
N SER A 17 -47.70 3.22 -20.95
CA SER A 17 -46.94 3.78 -22.09
C SER A 17 -46.26 5.09 -21.69
N GLU A 18 -46.26 5.43 -20.39
CA GLU A 18 -45.51 6.61 -19.87
C GLU A 18 -44.86 6.26 -18.52
N SER A 19 -43.84 7.04 -18.15
CA SER A 19 -43.19 6.97 -16.82
C SER A 19 -44.29 7.15 -15.79
N SER A 20 -44.42 6.18 -14.90
CA SER A 20 -45.38 6.22 -13.76
C SER A 20 -44.64 6.72 -12.51
N ASN A 21 -45.32 6.86 -11.37
CA ASN A 21 -44.74 7.35 -10.09
C ASN A 21 -45.19 6.46 -8.92
N ILE A 22 -44.29 5.64 -8.37
CA ILE A 22 -44.63 4.61 -7.35
C ILE A 22 -44.03 5.03 -6.01
N LYS A 23 -44.61 4.51 -4.93
CA LYS A 23 -44.00 4.45 -3.58
C LYS A 23 -43.43 3.03 -3.41
N GLY A 24 -42.72 2.55 -4.44
CA GLY A 24 -42.12 1.21 -4.50
C GLY A 24 -43.16 0.13 -4.22
N PHE A 25 -42.69 -1.06 -3.83
CA PHE A 25 -43.48 -2.31 -3.83
C PHE A 25 -42.63 -3.52 -3.47
N ASN A 26 -43.27 -4.71 -3.42
CA ASN A 26 -42.64 -6.05 -3.32
C ASN A 26 -42.90 -6.82 -4.62
N ASN A 27 -41.89 -7.01 -5.46
CA ASN A 27 -41.99 -7.90 -6.65
C ASN A 27 -41.99 -9.37 -6.20
N SER A 28 -42.85 -10.19 -6.81
CA SER A 28 -42.99 -11.65 -6.54
C SER A 28 -42.79 -12.47 -7.83
N GLY A 29 -42.24 -11.85 -8.86
CA GLY A 29 -41.98 -12.50 -10.16
C GLY A 29 -40.75 -11.90 -10.82
N THR A 30 -40.76 -11.87 -12.14
CA THR A 30 -39.56 -11.70 -13.00
C THR A 30 -39.51 -10.29 -13.61
N ILE A 31 -38.37 -9.62 -13.49
CA ILE A 31 -38.18 -8.20 -13.90
C ILE A 31 -37.26 -8.13 -15.11
N GLU A 32 -37.81 -8.35 -16.31
CA GLU A 32 -37.09 -8.34 -17.61
C GLU A 32 -36.82 -6.89 -18.04
N HIS A 33 -36.24 -6.72 -19.23
CA HIS A 33 -36.19 -5.44 -19.97
C HIS A 33 -36.28 -5.67 -21.48
N SER A 34 -36.71 -4.62 -22.17
CA SER A 34 -36.73 -4.49 -23.65
C SER A 34 -35.60 -3.55 -24.05
N PRO A 35 -35.23 -3.52 -25.35
CA PRO A 35 -34.26 -2.53 -25.84
C PRO A 35 -34.62 -1.10 -25.42
N GLY A 36 -33.60 -0.26 -25.25
CA GLY A 36 -33.78 1.17 -24.89
C GLY A 36 -34.23 1.35 -23.45
N ALA A 37 -34.75 0.31 -22.80
CA ALA A 37 -34.94 0.29 -21.33
C ALA A 37 -33.64 0.78 -20.69
N VAL A 38 -33.76 1.55 -19.59
CA VAL A 38 -32.63 2.04 -18.75
C VAL A 38 -32.84 1.52 -17.32
N MET A 39 -31.81 1.59 -16.47
CA MET A 39 -31.94 1.34 -15.01
C MET A 39 -31.03 2.29 -14.21
N THR A 40 -31.17 2.31 -12.89
CA THR A 40 -30.55 3.32 -11.99
C THR A 40 -30.63 2.86 -10.54
N PHE A 41 -29.85 3.50 -9.66
CA PHE A 41 -29.91 3.30 -8.19
C PHE A 41 -30.22 4.60 -7.45
N PRO A 42 -30.86 4.48 -6.27
CA PRO A 42 -31.06 5.63 -5.40
C PRO A 42 -29.71 6.28 -5.06
N GLU A 43 -29.56 7.58 -5.37
CA GLU A 43 -28.42 8.43 -4.93
C GLU A 43 -28.53 8.66 -3.41
N ASP A 44 -28.06 7.73 -2.58
CA ASP A 44 -28.19 7.78 -1.10
C ASP A 44 -26.82 7.91 -0.45
N THR A 45 -26.78 8.37 0.81
CA THR A 45 -25.57 8.89 1.50
C THR A 45 -25.52 8.41 2.96
N GLU A 46 -26.56 7.74 3.46
CA GLU A 46 -26.71 7.46 4.92
C GLU A 46 -25.76 6.32 5.30
N VAL A 47 -25.61 6.04 6.59
CA VAL A 47 -24.92 4.84 7.14
C VAL A 47 -25.97 3.74 7.41
N THR A 48 -27.21 4.14 7.65
CA THR A 48 -28.37 3.23 7.85
C THR A 48 -28.66 2.47 6.56
N GLY A 49 -29.02 1.20 6.69
CA GLY A 49 -29.42 0.32 5.59
C GLY A 49 -29.64 -1.10 6.09
N LEU A 50 -30.08 -1.98 5.20
CA LEU A 50 -30.36 -3.39 5.52
C LEU A 50 -29.79 -4.27 4.43
N PRO A 51 -29.28 -5.47 4.77
CA PRO A 51 -28.60 -6.31 3.77
C PRO A 51 -29.47 -6.41 2.50
N SER A 52 -28.85 -6.78 1.37
CA SER A 52 -29.50 -6.92 0.05
C SER A 52 -29.92 -5.54 -0.50
N SER A 53 -30.00 -4.51 0.36
CA SER A 53 -30.24 -3.11 -0.08
C SER A 53 -28.97 -2.64 -0.79
N VAL A 54 -29.10 -1.77 -1.79
CA VAL A 54 -28.02 -1.38 -2.73
C VAL A 54 -28.23 0.09 -3.10
N ARG A 55 -27.17 0.81 -3.45
CA ARG A 55 -27.30 2.25 -3.82
C ARG A 55 -26.17 2.70 -4.75
N TYR A 56 -26.32 3.88 -5.34
CA TYR A 56 -25.23 4.71 -5.86
C TYR A 56 -24.83 5.69 -4.74
N ASN A 57 -23.61 6.21 -4.78
CA ASN A 57 -23.13 7.27 -3.85
C ASN A 57 -22.64 8.47 -4.68
N PRO A 58 -23.22 9.68 -4.52
CA PRO A 58 -22.81 10.87 -5.28
C PRO A 58 -21.65 11.68 -4.66
N ASP A 59 -20.90 11.07 -3.75
CA ASP A 59 -19.71 11.67 -3.07
C ASP A 59 -18.50 10.79 -3.36
N SER A 60 -18.62 9.50 -3.05
CA SER A 60 -17.62 8.43 -3.29
C SER A 60 -17.76 7.90 -4.73
N ASP A 61 -18.69 8.42 -5.53
CA ASP A 61 -18.84 8.09 -6.97
C ASP A 61 -18.68 6.57 -7.14
N GLU A 62 -19.28 5.79 -6.23
CA GLU A 62 -19.06 4.32 -6.09
C GLU A 62 -20.38 3.59 -5.86
N PHE A 63 -20.73 2.70 -6.79
CA PHE A 63 -21.83 1.71 -6.68
C PHE A 63 -21.54 0.77 -5.51
N GLU A 64 -22.25 0.97 -4.40
CA GLU A 64 -22.10 0.25 -3.10
C GLU A 64 -23.30 -0.67 -2.87
N GLY A 65 -23.15 -1.63 -1.94
CA GLY A 65 -24.24 -2.51 -1.47
C GLY A 65 -24.08 -2.83 0.01
N TYR A 66 -25.15 -2.73 0.79
CA TYR A 66 -25.17 -3.02 2.25
C TYR A 66 -25.01 -4.54 2.46
N TYR A 67 -23.86 -4.96 3.01
CA TYR A 67 -23.53 -6.35 3.43
C TYR A 67 -23.89 -6.53 4.91
N GLU A 68 -24.10 -7.79 5.34
CA GLU A 68 -24.54 -8.15 6.72
C GLU A 68 -23.51 -7.62 7.72
N ASN A 69 -22.34 -8.27 7.80
CA ASN A 69 -21.18 -7.80 8.61
C ASN A 69 -20.60 -6.55 7.93
N GLY A 70 -20.79 -5.38 8.55
CA GLY A 70 -20.19 -4.11 8.09
C GLY A 70 -21.24 -3.12 7.62
N GLY A 71 -22.04 -3.48 6.63
CA GLY A 71 -22.96 -2.55 5.95
C GLY A 71 -22.39 -2.12 4.61
N TRP A 72 -22.32 -0.81 4.36
CA TRP A 72 -22.19 -0.23 2.99
C TRP A 72 -20.76 -0.36 2.43
N LEU A 73 -20.38 -1.57 2.03
CA LEU A 73 -19.13 -1.84 1.25
C LEU A 73 -19.34 -1.41 -0.20
N SER A 74 -18.26 -1.25 -0.98
CA SER A 74 -18.34 -1.22 -2.46
C SER A 74 -18.88 -2.57 -2.91
N LEU A 75 -19.86 -2.55 -3.83
CA LEU A 75 -20.35 -3.76 -4.54
C LEU A 75 -19.15 -4.36 -5.28
N GLY A 76 -19.18 -5.67 -5.54
CA GLY A 76 -18.15 -6.41 -6.30
C GLY A 76 -16.85 -6.59 -5.54
N GLY A 77 -16.87 -6.37 -4.22
CA GLY A 77 -15.69 -6.44 -3.33
C GLY A 77 -14.72 -5.31 -3.56
N GLY A 78 -13.44 -5.55 -3.27
CA GLY A 78 -12.30 -4.65 -3.54
C GLY A 78 -11.98 -4.53 -5.03
N GLY A 79 -11.51 -3.36 -5.46
CA GLY A 79 -11.26 -3.01 -6.87
C GLY A 79 -10.26 -1.88 -6.98
N ILE A 80 -9.67 -1.69 -8.17
CA ILE A 80 -8.52 -0.77 -8.40
C ILE A 80 -8.89 0.29 -9.44
N ARG A 81 -9.02 1.54 -8.97
CA ARG A 81 -9.37 2.73 -9.79
C ARG A 81 -8.08 3.26 -10.41
N TRP A 82 -7.74 2.78 -11.60
CA TRP A 82 -6.48 3.16 -12.30
C TRP A 82 -6.63 4.51 -12.98
N GLU A 83 -5.90 5.50 -12.48
CA GLU A 83 -5.80 6.85 -13.10
C GLU A 83 -4.34 7.27 -13.12
N THR A 84 -3.94 8.02 -14.16
CA THR A 84 -2.66 8.78 -14.21
C THR A 84 -2.67 9.81 -13.09
N LEU A 85 -1.50 10.25 -12.67
CA LEU A 85 -1.36 11.40 -11.75
C LEU A 85 -0.37 12.35 -12.41
N PRO A 86 -0.81 13.58 -12.78
CA PRO A 86 0.11 14.60 -13.29
C PRO A 86 1.02 15.07 -12.15
N HIS A 87 2.34 14.95 -12.32
CA HIS A 87 3.38 15.21 -11.28
C HIS A 87 3.08 16.54 -10.59
N ALA A 88 2.95 16.53 -9.28
CA ALA A 88 2.81 17.73 -8.43
C ALA A 88 3.66 17.51 -7.19
N PRO A 89 4.23 18.58 -6.61
CA PRO A 89 5.13 18.43 -5.48
C PRO A 89 4.40 17.61 -4.41
N SER A 90 3.16 18.01 -4.12
CA SER A 90 2.23 17.29 -3.20
C SER A 90 0.96 16.91 -3.97
N SER A 91 0.50 15.68 -3.73
CA SER A 91 -0.82 15.15 -4.16
C SER A 91 -1.45 14.43 -2.96
N ASN A 92 -2.77 14.34 -2.92
CA ASN A 92 -3.53 13.61 -1.88
C ASN A 92 -4.35 12.51 -2.56
N LEU A 93 -4.39 11.32 -1.98
CA LEU A 93 -4.89 10.09 -2.66
C LEU A 93 -6.18 9.59 -2.00
N LEU A 94 -7.12 9.07 -2.81
CA LEU A 94 -8.45 8.58 -2.37
C LEU A 94 -8.46 7.04 -2.35
N GLU A 95 -9.15 6.44 -1.37
CA GLU A 95 -9.22 4.97 -1.15
C GLU A 95 -9.63 4.30 -2.46
N GLY A 96 -9.24 3.04 -2.65
CA GLY A 96 -9.71 2.20 -3.76
C GLY A 96 -9.18 2.67 -5.11
N ARG A 97 -8.55 3.85 -5.15
CA ARG A 97 -7.93 4.40 -6.37
C ARG A 97 -6.45 3.95 -6.39
N GLY A 98 -5.94 3.69 -7.59
CA GLY A 98 -4.52 3.38 -7.88
C GLY A 98 -3.96 4.41 -8.85
N TYR A 99 -2.77 4.97 -8.54
CA TYR A 99 -2.21 6.15 -9.26
C TYR A 99 -0.94 5.76 -10.07
N LEU A 100 -0.94 6.08 -11.36
CA LEU A 100 0.25 5.91 -12.25
C LEU A 100 1.10 7.17 -12.14
N ILE A 101 2.18 7.08 -11.36
CA ILE A 101 3.01 8.25 -10.95
C ILE A 101 4.13 8.46 -11.96
N ASN A 102 4.42 9.73 -12.25
CA ASN A 102 5.63 10.15 -12.98
C ASN A 102 6.50 11.00 -12.05
N ASN A 103 7.80 10.69 -12.01
CA ASN A 103 8.82 11.45 -11.24
C ASN A 103 9.99 11.79 -12.17
N THR A 104 9.71 12.03 -13.45
CA THR A 104 10.71 12.46 -14.45
C THR A 104 11.10 13.91 -14.15
N THR A 105 10.09 14.78 -14.06
CA THR A 105 10.16 16.18 -13.56
C THR A 105 11.17 16.28 -12.40
N GLY A 106 10.89 15.57 -11.31
CA GLY A 106 11.68 15.59 -10.06
C GLY A 106 10.96 14.81 -8.98
N THR A 107 11.34 15.01 -7.71
CA THR A 107 10.75 14.30 -6.55
C THR A 107 9.39 14.89 -6.22
N SER A 108 8.37 14.03 -6.20
CA SER A 108 6.96 14.34 -5.81
C SER A 108 6.63 13.66 -4.49
N THR A 109 5.54 14.10 -3.85
CA THR A 109 5.01 13.53 -2.58
C THR A 109 3.51 13.23 -2.77
N VAL A 110 3.01 12.31 -1.95
CA VAL A 110 1.57 11.89 -1.91
C VAL A 110 1.16 11.66 -0.44
N VAL A 111 -0.06 12.04 -0.09
CA VAL A 111 -0.59 11.99 1.30
C VAL A 111 -1.75 11.00 1.31
N LEU A 112 -1.62 9.94 2.11
CA LEU A 112 -2.70 8.95 2.29
C LEU A 112 -3.89 9.63 2.93
N PRO A 113 -5.11 9.18 2.57
CA PRO A 113 -6.33 9.75 3.13
C PRO A 113 -6.44 9.31 4.59
N SER A 114 -7.35 9.92 5.34
CA SER A 114 -7.73 9.43 6.68
C SER A 114 -8.49 8.13 6.48
N PRO A 115 -8.03 7.02 7.10
CA PRO A 115 -8.71 5.73 6.94
C PRO A 115 -10.05 5.78 7.66
N THR A 116 -11.11 5.27 7.01
CA THR A 116 -12.47 5.15 7.58
C THR A 116 -12.61 3.73 8.16
N ARG A 117 -12.85 2.75 7.30
CA ARG A 117 -12.95 1.32 7.68
C ARG A 117 -11.56 0.67 7.56
N ILE A 118 -11.33 -0.39 8.32
CA ILE A 118 -10.21 -1.35 8.07
C ILE A 118 -10.39 -1.92 6.67
N GLY A 119 -9.30 -2.22 5.99
CA GLY A 119 -9.29 -2.68 4.59
C GLY A 119 -9.02 -1.54 3.64
N ASP A 120 -9.54 -0.34 3.93
CA ASP A 120 -9.35 0.86 3.07
C ASP A 120 -7.96 0.76 2.44
N SER A 121 -7.88 0.66 1.10
CA SER A 121 -6.71 0.15 0.34
C SER A 121 -6.34 1.09 -0.82
N VAL A 122 -5.16 1.72 -0.77
CA VAL A 122 -4.66 2.63 -1.85
C VAL A 122 -3.45 1.97 -2.53
N THR A 123 -3.23 2.31 -3.80
CA THR A 123 -2.19 1.71 -4.66
C THR A 123 -1.50 2.77 -5.55
N ILE A 124 -0.18 2.64 -5.69
CA ILE A 124 0.73 3.55 -6.44
C ILE A 124 1.69 2.70 -7.26
N CYS A 125 2.23 3.26 -8.33
CA CYS A 125 3.07 2.51 -9.30
C CYS A 125 4.03 3.46 -10.03
N ASP A 126 5.34 3.23 -9.84
CA ASP A 126 6.44 3.89 -10.59
C ASP A 126 6.39 3.36 -12.03
N ALA A 127 5.49 3.94 -12.83
CA ALA A 127 5.20 3.53 -14.22
C ALA A 127 6.28 4.10 -15.17
N TYR A 128 7.14 5.00 -14.69
CA TYR A 128 8.22 5.66 -15.48
C TYR A 128 9.59 5.08 -15.11
N GLY A 129 9.69 4.30 -14.02
CA GLY A 129 10.96 3.72 -13.56
C GLY A 129 11.97 4.81 -13.25
N LYS A 130 11.57 5.81 -12.45
CA LYS A 130 12.36 7.03 -12.15
C LYS A 130 12.68 7.14 -10.64
N PHE A 131 12.29 6.14 -9.85
CA PHE A 131 12.25 6.26 -8.37
C PHE A 131 13.66 6.17 -7.80
N ALA A 132 14.56 5.42 -8.45
CA ALA A 132 16.01 5.35 -8.13
C ALA A 132 16.61 6.75 -8.28
N THR A 133 16.43 7.37 -9.45
CA THR A 133 16.96 8.72 -9.78
C THR A 133 16.23 9.78 -8.95
N TYR A 134 14.90 9.81 -8.95
CA TYR A 134 14.07 10.82 -8.22
C TYR A 134 13.03 10.12 -7.35
N PRO A 135 13.34 9.86 -6.06
CA PRO A 135 12.43 9.14 -5.17
C PRO A 135 11.05 9.79 -4.99
N LEU A 136 10.12 8.97 -4.48
CA LEU A 136 8.76 9.36 -4.00
C LEU A 136 8.69 9.16 -2.48
N THR A 137 8.04 10.08 -1.77
CA THR A 137 7.73 9.95 -0.32
C THR A 137 6.21 9.88 -0.10
N VAL A 138 5.82 9.22 0.98
CA VAL A 138 4.43 8.78 1.30
C VAL A 138 4.05 9.30 2.70
N SER A 139 3.27 10.38 2.76
CA SER A 139 2.79 11.00 4.02
C SER A 139 1.56 10.23 4.49
N PRO A 140 1.61 9.56 5.67
CA PRO A 140 0.42 8.90 6.22
C PRO A 140 -0.55 9.85 6.95
N SER A 141 -0.21 11.15 7.03
CA SER A 141 -0.96 12.18 7.79
C SER A 141 -0.87 11.84 9.27
N GLY A 142 -1.82 12.32 10.09
CA GLY A 142 -1.86 12.06 11.55
C GLY A 142 -1.60 10.60 11.86
N ASN A 143 -2.33 9.71 11.19
CA ASN A 143 -2.34 8.23 11.41
C ASN A 143 -0.95 7.71 11.05
N ASN A 144 -0.51 6.63 11.69
CA ASN A 144 0.90 6.14 11.55
C ASN A 144 0.98 5.09 10.43
N LEU A 145 2.17 4.92 9.88
CA LEU A 145 2.50 3.91 8.84
C LEU A 145 3.48 2.90 9.42
N TYR A 146 3.05 1.64 9.54
CA TYR A 146 3.84 0.48 10.03
C TYR A 146 4.30 0.78 11.48
N GLY A 147 3.51 1.58 12.22
CA GLY A 147 3.82 2.03 13.59
C GLY A 147 4.34 3.45 13.62
N SER A 148 5.12 3.83 12.61
CA SER A 148 5.78 5.15 12.49
C SER A 148 4.79 6.16 11.90
N THR A 149 4.62 7.29 12.56
CA THR A 149 3.91 8.47 12.01
C THR A 149 4.80 9.08 10.92
N GLU A 150 6.10 8.80 11.00
CA GLU A 150 7.14 9.35 10.09
C GLU A 150 6.88 8.82 8.68
N ASP A 151 7.04 9.70 7.70
CA ASP A 151 6.85 9.39 6.26
C ASP A 151 7.81 8.27 5.86
N MET A 152 7.65 7.80 4.63
CA MET A 152 8.47 6.71 4.03
C MET A 152 8.77 7.05 2.57
N ALA A 153 10.01 6.81 2.15
CA ALA A 153 10.55 7.16 0.82
C ALA A 153 10.65 5.89 -0.02
N ILE A 154 10.66 6.02 -1.34
CA ILE A 154 10.71 4.87 -2.29
C ILE A 154 11.72 5.17 -3.40
N THR A 155 12.64 4.20 -3.61
CA THR A 155 13.96 4.35 -4.27
C THR A 155 14.15 3.35 -5.42
N THR A 156 13.21 2.42 -5.63
CA THR A 156 13.32 1.26 -6.55
C THR A 156 12.68 1.56 -7.91
N ASP A 157 13.46 1.70 -8.98
CA ASP A 157 12.93 1.84 -10.35
C ASP A 157 11.92 0.69 -10.61
N ASN A 158 10.70 1.06 -11.04
CA ASN A 158 9.67 0.17 -11.66
C ASN A 158 8.63 -0.29 -10.65
N VAL A 159 8.79 0.02 -9.36
CA VAL A 159 8.00 -0.57 -8.24
C VAL A 159 6.50 -0.25 -8.41
N SER A 160 5.65 -1.03 -7.71
CA SER A 160 4.18 -0.86 -7.56
C SER A 160 3.73 -1.42 -6.21
N ALA A 161 2.90 -0.69 -5.44
CA ALA A 161 2.51 -1.07 -4.06
C ALA A 161 1.03 -0.80 -3.77
N THR A 162 0.36 -1.73 -3.09
CA THR A 162 -1.00 -1.55 -2.51
C THR A 162 -0.84 -1.32 -0.99
N PHE A 163 -1.22 -0.14 -0.54
CA PHE A 163 -1.36 0.19 0.89
C PHE A 163 -2.75 -0.19 1.40
N THR A 164 -2.82 -0.56 2.67
CA THR A 164 -4.02 -1.09 3.36
C THR A 164 -4.04 -0.59 4.80
N TRP A 165 -5.19 -0.15 5.28
CA TRP A 165 -5.40 0.22 6.70
C TRP A 165 -5.65 -1.06 7.51
N SER A 166 -4.91 -1.22 8.60
CA SER A 166 -4.88 -2.46 9.42
C SER A 166 -5.47 -2.20 10.80
N GLY A 167 -5.86 -0.96 11.08
CA GLY A 167 -6.10 -0.49 12.45
C GLY A 167 -4.98 0.44 12.89
N PRO A 168 -5.16 1.20 13.99
CA PRO A 168 -4.38 2.41 14.24
C PRO A 168 -2.98 2.18 14.81
N GLU A 169 -2.76 1.04 15.47
CA GLU A 169 -1.47 0.72 16.14
C GLU A 169 -0.37 0.62 15.08
N GLN A 170 -0.57 -0.22 14.08
CA GLN A 170 0.38 -0.43 12.95
C GLN A 170 -0.01 0.49 11.78
N GLY A 171 -1.26 0.95 11.76
CA GLY A 171 -1.77 1.83 10.70
C GLY A 171 -1.60 1.18 9.36
N TRP A 172 -1.05 1.92 8.39
CA TRP A 172 -1.01 1.48 6.98
C TRP A 172 0.05 0.38 6.80
N VAL A 173 -0.18 -0.52 5.84
CA VAL A 173 0.73 -1.64 5.49
C VAL A 173 0.61 -1.95 3.98
N ILE A 174 1.46 -2.82 3.46
CA ILE A 174 1.49 -3.12 2.00
C ILE A 174 1.11 -4.59 1.81
N THR A 175 0.18 -4.84 0.89
CA THR A 175 -0.56 -6.13 0.77
C THR A 175 -0.28 -6.74 -0.60
N SER A 176 -0.69 -6.06 -1.66
CA SER A 176 -0.35 -6.37 -3.07
C SER A 176 0.83 -5.46 -3.44
N GLY A 177 1.63 -5.85 -4.42
CA GLY A 177 2.85 -5.09 -4.78
C GLY A 177 3.81 -5.90 -5.61
N VAL A 178 4.86 -5.22 -6.10
CA VAL A 178 5.78 -5.67 -7.19
C VAL A 178 7.09 -4.86 -7.14
N GLY A 179 8.22 -5.50 -6.80
CA GLY A 179 9.58 -4.90 -6.74
C GLY A 179 10.06 -4.67 -5.32
N LEU A 180 9.97 -5.69 -4.45
CA LEU A 180 10.24 -5.61 -2.99
C LEU A 180 10.97 -6.87 -2.55
N SER A 187 24.07 -1.81 -1.33
CA SER A 187 24.46 -1.92 0.13
C SER A 187 25.71 -2.80 0.29
N ARG A 188 26.85 -2.33 -0.27
CA ARG A 188 28.17 -3.04 -0.34
C ARG A 188 29.22 -2.23 0.45
N GLU A 189 29.33 -2.46 1.76
CA GLU A 189 30.28 -1.73 2.63
C GLU A 189 31.62 -2.47 2.66
N ILE A 190 32.72 -1.76 2.38
CA ILE A 190 34.10 -2.29 2.54
C ILE A 190 34.91 -1.30 3.35
N PHE A 191 35.08 -1.59 4.65
CA PHE A 191 36.10 -0.96 5.53
C PHE A 191 37.41 -1.72 5.33
N THR A 192 38.49 -0.99 5.07
CA THR A 192 39.85 -1.53 4.79
C THR A 192 40.90 -0.58 5.36
N GLN A 193 41.94 -1.11 6.01
CA GLN A 193 43.07 -0.31 6.58
C GLN A 193 44.25 -1.25 6.93
N ILE A 194 45.42 -0.67 7.23
CA ILE A 194 46.71 -1.40 7.50
C ILE A 194 47.12 -1.16 8.96
N LEU A 195 46.77 -2.10 9.85
CA LEU A 195 46.91 -1.98 11.32
C LEU A 195 48.23 -1.28 11.69
N ALA A 196 48.14 -0.04 12.15
CA ALA A 196 49.27 0.73 12.72
C ALA A 196 49.97 -0.12 13.78
N SER A 197 49.20 -0.84 14.60
CA SER A 197 49.70 -1.66 15.74
C SER A 197 49.06 -3.05 15.71
N GLU A 198 49.48 -3.93 16.65
CA GLU A 198 48.97 -5.33 16.83
C GLU A 198 47.68 -5.29 17.65
N THR A 199 46.52 -5.54 17.04
CA THR A 199 45.19 -5.16 17.58
C THR A 199 44.26 -6.37 17.67
N SER A 200 43.50 -6.48 18.77
CA SER A 200 42.69 -7.64 19.18
C SER A 200 41.19 -7.43 18.89
N ALA A 201 40.76 -6.21 18.51
CA ALA A 201 39.33 -5.88 18.25
C ALA A 201 39.20 -4.72 17.24
N VAL A 202 38.01 -4.58 16.61
CA VAL A 202 37.69 -3.47 15.64
C VAL A 202 36.17 -3.18 15.61
N THR A 203 35.79 -1.92 15.36
CA THR A 203 34.39 -1.43 15.37
C THR A 203 33.99 -0.96 13.98
N LEU A 204 32.97 -1.57 13.38
CA LEU A 204 32.42 -1.20 12.04
C LEU A 204 31.44 -0.03 12.23
N ASN A 205 31.36 0.85 11.22
CA ASN A 205 30.67 2.17 11.27
C ASN A 205 29.17 2.01 11.50
N THR A 206 28.60 0.88 11.11
CA THR A 206 27.21 0.47 11.41
C THR A 206 27.20 -1.03 11.60
N PRO A 207 26.37 -1.57 12.51
CA PRO A 207 26.33 -3.01 12.76
C PRO A 207 26.06 -3.72 11.44
N PRO A 208 26.90 -4.70 11.04
CA PRO A 208 26.58 -5.57 9.92
C PRO A 208 25.84 -6.83 10.40
N THR A 209 24.95 -7.38 9.57
CA THR A 209 24.21 -8.64 9.84
C THR A 209 25.19 -9.81 9.69
N ILE A 210 25.84 -9.91 8.53
CA ILE A 210 26.93 -10.89 8.26
C ILE A 210 28.11 -10.13 7.65
N VAL A 211 29.32 -10.69 7.72
CA VAL A 211 30.58 -10.04 7.24
C VAL A 211 31.57 -11.10 6.77
N ASP A 212 32.35 -10.76 5.74
CA ASP A 212 33.53 -11.51 5.24
C ASP A 212 34.80 -10.75 5.64
N VAL A 213 35.79 -11.43 6.24
CA VAL A 213 37.06 -10.78 6.70
C VAL A 213 38.25 -11.33 5.93
N TYR A 214 39.09 -10.43 5.44
CA TYR A 214 40.33 -10.74 4.71
C TYR A 214 41.48 -10.08 5.44
N ALA A 215 42.51 -10.88 5.72
CA ALA A 215 43.74 -10.49 6.45
C ALA A 215 44.94 -10.69 5.51
N ASP A 216 45.62 -9.59 5.21
CA ASP A 216 46.51 -9.48 4.03
C ASP A 216 45.69 -9.96 2.84
N GLY A 217 46.24 -10.81 1.97
CA GLY A 217 45.52 -11.43 0.86
C GLY A 217 44.44 -12.38 1.34
N LYS A 218 44.72 -13.14 2.41
CA LYS A 218 44.01 -14.38 2.78
C LYS A 218 42.60 -14.06 3.32
N ARG A 219 41.64 -14.97 3.12
CA ARG A 219 40.26 -14.91 3.68
C ARG A 219 40.24 -15.58 5.05
N LEU A 220 40.06 -14.81 6.12
CA LEU A 220 40.21 -15.29 7.52
C LEU A 220 39.10 -16.29 7.86
N ALA A 221 39.38 -17.24 8.74
CA ALA A 221 38.48 -18.36 9.08
C ALA A 221 37.46 -17.96 10.16
N GLU A 222 36.30 -18.63 10.14
CA GLU A 222 35.07 -18.33 10.94
C GLU A 222 35.40 -18.39 12.45
N SER A 223 36.34 -19.28 12.80
CA SER A 223 36.85 -19.54 14.17
C SER A 223 37.74 -18.39 14.66
N LYS A 224 38.49 -17.77 13.75
CA LYS A 224 39.55 -16.78 14.08
C LYS A 224 38.91 -15.55 14.72
N TYR A 225 37.65 -15.25 14.39
CA TYR A 225 36.84 -14.16 14.99
C TYR A 225 35.44 -14.65 15.40
N SER A 226 34.87 -13.90 16.35
CA SER A 226 33.42 -13.76 16.58
C SER A 226 33.04 -12.32 16.22
N LEU A 227 31.80 -12.11 15.78
CA LEU A 227 31.25 -10.79 15.39
C LEU A 227 30.04 -10.50 16.28
N ASP A 228 29.92 -9.27 16.77
CA ASP A 228 28.79 -8.84 17.65
C ASP A 228 28.53 -7.34 17.46
N GLY A 229 27.25 -6.98 17.24
CA GLY A 229 26.82 -5.60 16.99
C GLY A 229 27.67 -5.00 15.89
N ASN A 230 28.50 -4.01 16.23
CA ASN A 230 29.30 -3.24 15.24
C ASN A 230 30.78 -3.36 15.59
N VAL A 231 31.18 -4.50 16.18
CA VAL A 231 32.58 -4.75 16.61
C VAL A 231 32.95 -6.20 16.25
N ILE A 232 34.24 -6.44 16.02
CA ILE A 232 34.80 -7.76 15.65
C ILE A 232 36.02 -8.04 16.52
N THR A 233 35.92 -9.02 17.40
CA THR A 233 37.07 -9.62 18.12
C THR A 233 37.59 -10.77 17.26
N PHE A 234 38.89 -11.08 17.37
CA PHE A 234 39.54 -12.28 16.76
C PHE A 234 40.70 -12.76 17.62
N SER A 235 40.64 -14.02 18.06
CA SER A 235 41.75 -14.77 18.69
C SER A 235 42.32 -15.75 17.66
N PRO A 236 43.66 -15.76 17.41
CA PRO A 236 44.59 -14.90 18.13
C PRO A 236 44.50 -13.45 17.62
N SER A 237 44.82 -12.49 18.49
CA SER A 237 44.91 -11.03 18.19
C SER A 237 45.94 -10.82 17.07
N LEU A 238 45.65 -9.91 16.14
CA LEU A 238 46.40 -9.77 14.86
C LEU A 238 47.66 -8.94 15.11
N PRO A 239 48.69 -9.06 14.25
CA PRO A 239 49.92 -8.30 14.38
C PRO A 239 49.83 -6.99 13.58
N ALA A 240 50.71 -6.02 13.88
CA ALA A 240 50.80 -4.70 13.21
C ALA A 240 51.23 -4.92 11.76
N SER A 241 51.00 -3.92 10.90
CA SER A 241 51.41 -3.89 9.47
C SER A 241 50.48 -4.76 8.61
N THR A 242 49.33 -5.16 9.15
CA THR A 242 48.40 -6.15 8.53
C THR A 242 47.26 -5.42 7.81
N GLU A 243 47.22 -5.52 6.48
CA GLU A 243 46.07 -5.07 5.64
C GLU A 243 44.91 -6.01 5.91
N LEU A 244 43.85 -5.51 6.55
CA LEU A 244 42.60 -6.27 6.79
C LEU A 244 41.46 -5.61 6.03
N GLN A 245 40.68 -6.44 5.34
CA GLN A 245 39.47 -6.03 4.59
C GLN A 245 38.26 -6.64 5.29
N VAL A 246 37.22 -5.84 5.47
CA VAL A 246 35.94 -6.27 6.09
C VAL A 246 34.80 -5.85 5.16
N ILE A 247 33.90 -6.77 4.85
CA ILE A 247 32.79 -6.58 3.88
C ILE A 247 31.46 -6.56 4.63
N GLU A 248 31.08 -5.41 5.17
CA GLU A 248 29.76 -5.18 5.84
C GLU A 248 28.64 -5.47 4.84
N TYR A 249 27.79 -6.44 5.20
CA TYR A 249 26.64 -6.86 4.37
C TYR A 249 25.35 -6.35 5.00
N THR A 250 24.51 -5.68 4.21
CA THR A 250 23.22 -5.15 4.72
C THR A 250 22.15 -5.34 3.64
#